data_5FCD
#
_entry.id   5FCD
#
_cell.length_a   95.100
_cell.length_b   95.100
_cell.length_c   128.685
_cell.angle_alpha   90.00
_cell.angle_beta   90.00
_cell.angle_gamma   120.00
#
_symmetry.space_group_name_H-M   'P 63'
#
loop_
_entity.id
_entity.type
_entity.pdbx_description
1 polymer UNK-UNK-UNK-MSE-UNK
2 polymer UNK-UNK-UNK-UNK-MSE-UNK
3 polymer MccD
4 non-polymer 'CHLORIDE ION'
5 water water
#
loop_
_entity_poly.entity_id
_entity_poly.type
_entity_poly.pdbx_seq_one_letter_code
_entity_poly.pdbx_strand_id
1 'polypeptide(L)' (UNK)(UNK)(UNK)(MSE)(UNK) D
2 'polypeptide(L)' (UNK)(UNK)(UNK)(UNK)(MSE)(UNK) E
3 'polypeptide(L)'
;(MSE)TIKHAEELTEEVILN(MSE)NYPDFVAL(MSE)QQDNTPPGAEYTIDYWIKHGCINKKSHLLDLACSTGFSSREC
FKKEGASAEGIDISESAV(MSE)VANEKAKKLKANNLLKYYVADACDLPFEDNTFTHVLGGCNFAFIQNRLIALNETHRC
LNH(MSE)GS(MSE)CISNFYYRRKISDKLINDVYNAINFRPNPLWTLEYWHQFFSERFTLVSEENHE(MSE)ESQSEDE
LKADIYDYIFNRNEFTKGLNGSLQNVFFERFLKIRRPLNIQRDYQGVTLQIWRKK
;
A,B
#
# COMPACT_ATOMS: atom_id res chain seq x y z
N UNK A 1 20.47 4.85 14.04
CA UNK A 1 19.29 5.38 14.77
C UNK A 1 19.21 4.79 16.17
N UNK A 2 18.98 3.49 16.26
CA UNK A 2 18.88 2.81 17.54
C UNK A 2 20.09 1.91 17.77
N UNK A 3 20.79 2.16 18.86
CA UNK A 3 21.94 1.35 19.25
C UNK A 3 21.53 0.36 20.34
N UNK A 5 23.94 -2.42 21.06
CA UNK A 5 25.16 -3.13 21.40
C UNK A 5 25.09 -4.60 20.96
N UNK B 1 -7.64 6.90 -18.40
CA UNK B 1 -8.44 6.09 -17.44
C UNK B 1 -9.83 6.68 -17.28
N UNK B 2 -10.48 7.02 -18.39
CA UNK B 2 -11.71 7.81 -18.34
C UNK B 2 -12.80 7.33 -19.28
N UNK B 3 -13.14 6.04 -19.22
CA UNK B 3 -14.20 5.49 -20.07
C UNK B 3 -15.52 6.25 -19.94
N UNK B 4 -16.07 6.66 -21.07
CA UNK B 4 -17.35 7.36 -21.11
C UNK B 4 -18.43 6.51 -21.75
N UNK B 6 -21.92 4.16 -22.40
CA UNK B 6 -23.30 4.56 -22.58
C UNK B 6 -23.90 5.17 -21.31
N ASP C 29 22.58 3.94 4.52
CA ASP C 29 22.95 2.88 5.45
C ASP C 29 22.30 1.56 5.02
N ASN C 30 20.98 1.57 4.89
CA ASN C 30 20.24 0.40 4.44
C ASN C 30 20.40 -0.80 5.36
N THR C 31 19.97 -0.62 6.61
CA THR C 31 20.06 -1.69 7.61
C THR C 31 18.79 -1.75 8.46
N PRO C 32 18.53 -2.90 9.09
CA PRO C 32 17.37 -2.97 9.99
C PRO C 32 17.64 -2.24 11.30
N PRO C 33 16.57 -1.88 12.04
CA PRO C 33 16.76 -1.25 13.35
C PRO C 33 17.62 -2.13 14.27
N GLY C 34 18.73 -1.59 14.77
CA GLY C 34 19.62 -2.34 15.64
C GLY C 34 20.81 -2.92 14.90
N ALA C 35 20.73 -2.97 13.57
CA ALA C 35 21.85 -3.41 12.74
C ALA C 35 22.38 -4.79 13.12
N GLU C 36 23.65 -4.88 13.50
CA GLU C 36 24.29 -6.18 13.74
C GLU C 36 23.69 -6.90 14.94
N TYR C 37 23.25 -6.14 15.94
CA TYR C 37 22.61 -6.71 17.10
C TYR C 37 21.36 -7.48 16.67
N THR C 38 20.57 -6.86 15.80
CA THR C 38 19.35 -7.47 15.28
C THR C 38 19.66 -8.74 14.51
N ILE C 39 20.67 -8.68 13.64
CA ILE C 39 21.08 -9.85 12.88
C ILE C 39 21.47 -10.98 13.83
N ASP C 40 22.29 -10.65 14.83
CA ASP C 40 22.70 -11.64 15.82
C ASP C 40 21.49 -12.24 16.53
N TYR C 41 20.56 -11.37 16.94
CA TYR C 41 19.35 -11.83 17.59
C TYR C 41 18.59 -12.81 16.70
N TRP C 42 18.40 -12.43 15.44
CA TRP C 42 17.72 -13.28 14.48
C TRP C 42 18.43 -14.62 14.32
N ILE C 43 19.76 -14.58 14.19
CA ILE C 43 20.54 -15.80 14.04
C ILE C 43 20.37 -16.70 15.25
N LYS C 44 20.48 -16.13 16.44
CA LYS C 44 20.36 -16.94 17.65
C LYS C 44 18.94 -17.52 17.80
N HIS C 45 17.95 -16.63 17.84
CA HIS C 45 16.60 -17.07 18.18
C HIS C 45 15.84 -17.63 17.00
N GLY C 46 16.28 -17.29 15.79
CA GLY C 46 15.68 -17.84 14.59
C GLY C 46 16.36 -19.13 14.17
N CYS C 47 17.48 -19.44 14.84
CA CYS C 47 18.26 -20.63 14.53
C CYS C 47 18.70 -20.63 13.08
N ILE C 48 19.35 -19.54 12.66
CA ILE C 48 19.94 -19.46 11.32
C ILE C 48 21.30 -20.12 11.36
N ASN C 49 21.52 -21.06 10.44
CA ASN C 49 22.79 -21.76 10.33
C ASN C 49 23.20 -21.88 8.88
N LYS C 50 24.28 -22.60 8.61
CA LYS C 50 24.78 -22.74 7.24
C LYS C 50 23.77 -23.42 6.32
N LYS C 51 22.88 -24.23 6.88
CA LYS C 51 21.89 -24.95 6.09
C LYS C 51 20.71 -24.07 5.70
N SER C 52 20.63 -22.88 6.28
CA SER C 52 19.49 -22.00 6.06
C SER C 52 19.47 -21.37 4.67
N HIS C 53 18.27 -21.10 4.16
CA HIS C 53 18.09 -20.36 2.93
C HIS C 53 17.10 -19.24 3.19
N LEU C 54 17.57 -18.00 3.08
CA LEU C 54 16.84 -16.84 3.57
C LEU C 54 16.18 -16.04 2.45
N LEU C 55 14.99 -15.52 2.72
CA LEU C 55 14.40 -14.51 1.85
C LEU C 55 14.64 -13.12 2.46
N ASP C 56 15.47 -12.33 1.78
CA ASP C 56 15.75 -10.97 2.23
C ASP C 56 14.72 -10.01 1.66
N LEU C 57 13.68 -9.74 2.45
CA LEU C 57 12.52 -8.99 1.99
C LEU C 57 12.81 -7.49 1.95
N ALA C 58 12.55 -6.87 0.81
CA ALA C 58 12.91 -5.46 0.61
C ALA C 58 14.36 -5.25 1.01
N CYS C 59 15.24 -6.02 0.38
CA CYS C 59 16.62 -6.16 0.81
C CYS C 59 17.46 -4.90 0.66
N SER C 60 17.02 -3.97 -0.18
CA SER C 60 17.82 -2.80 -0.50
C SER C 60 19.17 -3.25 -1.07
N THR C 61 20.26 -2.87 -0.42
CA THR C 61 21.60 -3.26 -0.89
C THR C 61 22.07 -4.59 -0.31
N GLY C 62 21.18 -5.29 0.38
CA GLY C 62 21.42 -6.67 0.78
C GLY C 62 22.18 -6.89 2.08
N PHE C 63 22.19 -5.88 2.95
CA PHE C 63 22.95 -5.95 4.20
C PHE C 63 22.62 -7.20 5.04
N SER C 64 21.34 -7.41 5.33
CA SER C 64 20.93 -8.47 6.25
C SER C 64 21.38 -9.87 5.80
N SER C 65 21.02 -10.25 4.59
CA SER C 65 21.40 -11.56 4.07
C SER C 65 22.92 -11.70 3.96
N ARG C 66 23.58 -10.62 3.54
CA ARG C 66 25.03 -10.64 3.41
C ARG C 66 25.69 -10.86 4.76
N GLU C 67 25.15 -10.21 5.78
CA GLU C 67 25.64 -10.40 7.15
C GLU C 67 25.37 -11.82 7.62
N CYS C 68 24.17 -12.33 7.38
CA CYS C 68 23.87 -13.70 7.74
C CYS C 68 24.83 -14.68 7.05
N PHE C 69 25.14 -14.41 5.78
CA PHE C 69 26.11 -15.24 5.07
C PHE C 69 27.50 -15.15 5.71
N LYS C 70 27.99 -13.93 5.90
CA LYS C 70 29.31 -13.74 6.49
C LYS C 70 29.40 -14.40 7.85
N LYS C 71 28.33 -14.31 8.64
CA LYS C 71 28.33 -14.85 9.98
C LYS C 71 28.12 -16.35 10.02
N GLU C 72 27.25 -16.85 9.14
CA GLU C 72 26.78 -18.22 9.28
C GLU C 72 26.89 -19.07 8.01
N GLY C 73 27.13 -18.43 6.87
CA GLY C 73 27.27 -19.15 5.62
C GLY C 73 25.95 -19.48 4.95
N ALA C 74 24.86 -18.95 5.50
CA ALA C 74 23.54 -19.19 4.94
C ALA C 74 23.42 -18.59 3.54
N SER C 75 22.64 -19.25 2.68
CA SER C 75 22.36 -18.73 1.35
C SER C 75 21.12 -17.85 1.39
N ALA C 76 20.90 -17.06 0.34
CA ALA C 76 19.76 -16.17 0.33
C ALA C 76 19.37 -15.67 -1.06
N GLU C 77 18.08 -15.42 -1.21
CA GLU C 77 17.55 -14.68 -2.33
C GLU C 77 16.87 -13.43 -1.79
N GLY C 78 17.24 -12.27 -2.34
CA GLY C 78 16.69 -11.01 -1.89
C GLY C 78 15.89 -10.33 -2.99
N ILE C 79 14.89 -9.56 -2.60
CA ILE C 79 14.09 -8.81 -3.57
C ILE C 79 13.96 -7.36 -3.16
N ASP C 80 14.04 -6.45 -4.12
CA ASP C 80 13.78 -5.04 -3.86
C ASP C 80 13.18 -4.37 -5.08
N ILE C 81 12.49 -3.26 -4.87
CA ILE C 81 11.85 -2.55 -5.97
C ILE C 81 12.85 -1.69 -6.74
N SER C 82 13.99 -1.41 -6.12
CA SER C 82 15.02 -0.59 -6.74
C SER C 82 16.04 -1.44 -7.50
N GLU C 83 16.14 -1.23 -8.80
CA GLU C 83 17.05 -1.99 -9.64
C GLU C 83 18.50 -1.75 -9.25
N SER C 84 18.87 -0.49 -9.11
CA SER C 84 20.23 -0.12 -8.74
C SER C 84 20.64 -0.79 -7.42
N ALA C 85 19.76 -0.70 -6.43
CA ALA C 85 20.01 -1.32 -5.13
C ALA C 85 20.29 -2.82 -5.30
N VAL C 86 19.43 -3.49 -6.05
CA VAL C 86 19.59 -4.91 -6.33
C VAL C 86 20.95 -5.16 -6.98
N VAL C 88 23.64 -3.33 -6.71
CA VAL C 88 24.64 -3.17 -5.67
C VAL C 88 24.73 -4.45 -4.83
N ALA C 89 23.58 -4.95 -4.39
CA ALA C 89 23.55 -6.18 -3.61
C ALA C 89 24.25 -7.33 -4.34
N ASN C 90 23.93 -7.49 -5.61
CA ASN C 90 24.59 -8.50 -6.42
C ASN C 90 26.09 -8.28 -6.53
N GLU C 91 26.51 -7.05 -6.85
CA GLU C 91 27.95 -6.77 -6.97
C GLU C 91 28.68 -7.08 -5.66
N LYS C 92 28.09 -6.66 -4.55
CA LYS C 92 28.67 -6.91 -3.24
C LYS C 92 28.74 -8.41 -3.00
N ALA C 93 27.68 -9.13 -3.36
CA ALA C 93 27.73 -10.59 -3.30
C ALA C 93 28.92 -11.11 -4.11
N LYS C 94 29.10 -10.59 -5.32
CA LYS C 94 30.19 -11.01 -6.19
C LYS C 94 31.56 -10.77 -5.56
N LYS C 95 31.76 -9.57 -5.02
CA LYS C 95 33.04 -9.23 -4.40
C LYS C 95 33.33 -10.15 -3.20
N LEU C 96 32.27 -10.62 -2.54
CA LEU C 96 32.42 -11.55 -1.42
C LEU C 96 32.65 -12.99 -1.88
N LYS C 97 32.66 -13.20 -3.19
CA LYS C 97 32.80 -14.55 -3.75
C LYS C 97 31.67 -15.44 -3.24
N ALA C 98 30.46 -14.89 -3.25
CA ALA C 98 29.30 -15.58 -2.70
C ALA C 98 28.06 -15.39 -3.56
N ASN C 99 28.25 -15.00 -4.81
CA ASN C 99 27.11 -14.78 -5.71
C ASN C 99 26.47 -16.09 -6.13
N ASN C 100 27.06 -17.22 -5.73
CA ASN C 100 26.43 -18.52 -5.94
C ASN C 100 25.47 -18.85 -4.80
N LEU C 101 25.54 -18.08 -3.72
CA LEU C 101 24.71 -18.30 -2.55
C LEU C 101 23.77 -17.13 -2.28
N LEU C 102 24.19 -15.94 -2.67
CA LEU C 102 23.40 -14.72 -2.46
C LEU C 102 22.97 -14.14 -3.80
N LYS C 103 21.66 -14.17 -4.06
CA LYS C 103 21.15 -13.64 -5.32
C LYS C 103 19.99 -12.67 -5.09
N TYR C 104 19.97 -11.57 -5.84
CA TYR C 104 19.00 -10.51 -5.61
C TYR C 104 18.23 -10.15 -6.86
N TYR C 105 16.96 -9.80 -6.68
CA TYR C 105 16.06 -9.55 -7.80
C TYR C 105 15.16 -8.33 -7.58
N VAL C 106 14.66 -7.79 -8.68
CA VAL C 106 13.66 -6.74 -8.64
C VAL C 106 12.28 -7.35 -8.52
N ALA C 107 11.59 -7.06 -7.42
CA ALA C 107 10.25 -7.59 -7.21
C ALA C 107 9.55 -6.89 -6.04
N ASP C 108 8.23 -7.04 -5.98
CA ASP C 108 7.44 -6.51 -4.88
C ASP C 108 7.10 -7.63 -3.90
N ALA C 109 7.04 -7.30 -2.62
CA ALA C 109 6.69 -8.27 -1.58
C ALA C 109 5.29 -8.82 -1.78
N CYS C 110 4.44 -8.08 -2.49
CA CYS C 110 3.06 -8.46 -2.73
CA CYS C 110 3.05 -8.49 -2.70
C CYS C 110 2.95 -9.55 -3.79
N ASP C 111 4.05 -9.77 -4.51
CA ASP C 111 4.07 -10.79 -5.56
C ASP C 111 5.48 -11.36 -5.71
N LEU C 112 5.78 -12.38 -4.92
CA LEU C 112 7.12 -12.95 -4.89
C LEU C 112 7.35 -13.91 -6.05
N PRO C 113 8.50 -13.80 -6.74
CA PRO C 113 8.78 -14.67 -7.88
C PRO C 113 9.37 -16.02 -7.48
N PHE C 114 9.04 -16.49 -6.28
CA PHE C 114 9.62 -17.74 -5.77
C PHE C 114 8.54 -18.80 -5.61
N GLU C 115 8.95 -20.06 -5.64
CA GLU C 115 8.03 -21.18 -5.50
C GLU C 115 7.66 -21.38 -4.04
N ASP C 116 6.55 -22.07 -3.79
CA ASP C 116 6.15 -22.43 -2.43
C ASP C 116 7.25 -23.21 -1.71
N ASN C 117 7.35 -23.02 -0.41
CA ASN C 117 8.27 -23.80 0.41
C ASN C 117 9.72 -23.69 -0.08
N THR C 118 10.17 -22.46 -0.33
CA THR C 118 11.51 -22.22 -0.84
C THR C 118 12.49 -21.87 0.29
N PHE C 119 11.99 -21.20 1.32
CA PHE C 119 12.86 -20.61 2.33
C PHE C 119 12.69 -21.22 3.72
N THR C 120 13.79 -21.27 4.46
CA THR C 120 13.77 -21.66 5.86
C THR C 120 13.50 -20.46 6.75
N HIS C 121 13.84 -19.27 6.25
CA HIS C 121 13.65 -18.04 7.00
C HIS C 121 13.29 -16.88 6.07
N VAL C 122 12.49 -15.96 6.59
CA VAL C 122 12.29 -14.67 5.93
C VAL C 122 12.83 -13.56 6.83
N LEU C 123 13.66 -12.70 6.27
CA LEU C 123 14.13 -11.53 6.99
C LEU C 123 13.20 -10.37 6.64
N GLY C 124 12.28 -10.08 7.55
CA GLY C 124 11.28 -9.05 7.32
C GLY C 124 11.72 -7.68 7.77
N GLY C 125 12.52 -7.63 8.83
CA GLY C 125 12.98 -6.36 9.38
C GLY C 125 11.80 -5.50 9.78
N CYS C 126 11.86 -4.22 9.43
CA CYS C 126 10.77 -3.28 9.71
C CYS C 126 9.93 -3.01 8.47
N ASN C 127 10.11 -3.82 7.43
CA ASN C 127 9.56 -3.49 6.11
C ASN C 127 8.04 -3.63 5.99
N PHE C 128 7.42 -4.38 6.89
CA PHE C 128 5.97 -4.54 6.84
C PHE C 128 5.27 -3.25 7.25
N ALA C 129 6.03 -2.28 7.75
CA ALA C 129 5.46 -0.99 8.11
C ALA C 129 5.50 -0.02 6.92
N PHE C 130 6.11 -0.45 5.82
CA PHE C 130 6.33 0.44 4.69
C PHE C 130 5.84 -0.11 3.35
N ILE C 131 5.82 -1.44 3.20
CA ILE C 131 5.41 -2.03 1.93
C ILE C 131 3.92 -1.79 1.69
N GLN C 132 3.53 -1.78 0.42
CA GLN C 132 2.23 -1.25 0.00
C GLN C 132 1.03 -2.05 0.54
N ASN C 133 0.99 -3.34 0.27
CA ASN C 133 -0.09 -4.20 0.75
C ASN C 133 0.44 -5.28 1.68
N ARG C 134 0.55 -4.97 2.96
CA ARG C 134 1.34 -5.79 3.87
C ARG C 134 0.72 -7.14 4.21
N LEU C 135 -0.60 -7.28 4.12
CA LEU C 135 -1.22 -8.58 4.40
C LEU C 135 -1.02 -9.52 3.21
N ILE C 136 -1.21 -9.01 2.00
CA ILE C 136 -0.93 -9.77 0.79
C ILE C 136 0.54 -10.20 0.81
N ALA C 137 1.41 -9.26 1.16
CA ALA C 137 2.83 -9.55 1.28
C ALA C 137 3.07 -10.63 2.32
N LEU C 138 2.44 -10.48 3.49
CA LEU C 138 2.57 -11.46 4.56
C LEU C 138 2.16 -12.83 4.06
N ASN C 139 1.04 -12.90 3.35
CA ASN C 139 0.56 -14.17 2.81
C ASN C 139 1.54 -14.74 1.79
N GLU C 140 2.13 -13.89 0.95
CA GLU C 140 3.18 -14.35 0.04
C GLU C 140 4.38 -14.94 0.79
N THR C 141 4.86 -14.22 1.81
CA THR C 141 5.98 -14.71 2.61
C THR C 141 5.59 -16.04 3.26
N HIS C 142 4.35 -16.12 3.72
CA HIS C 142 3.82 -17.35 4.28
C HIS C 142 3.90 -18.48 3.24
N ARG C 143 3.45 -18.17 2.03
CA ARG C 143 3.48 -19.13 0.93
C ARG C 143 4.90 -19.64 0.68
N CYS C 144 5.85 -18.71 0.57
CA CYS C 144 7.21 -19.08 0.19
C CYS C 144 8.03 -19.73 1.32
N LEU C 145 7.55 -19.62 2.55
CA LEU C 145 8.25 -20.24 3.68
C LEU C 145 8.00 -21.74 3.76
N ASN C 146 9.05 -22.49 4.10
CA ASN C 146 8.93 -23.91 4.39
C ASN C 146 8.07 -24.16 5.62
N HIS C 147 7.60 -25.39 5.77
CA HIS C 147 6.93 -25.82 6.98
C HIS C 147 7.80 -25.49 8.20
N GLY C 149 8.93 -22.79 9.01
CA GLY C 149 9.85 -21.71 8.68
C GLY C 149 9.64 -20.51 9.59
N SER C 150 10.66 -19.66 9.70
CA SER C 150 10.61 -18.54 10.63
C SER C 150 10.65 -17.18 9.94
N CYS C 152 11.54 -13.35 10.61
CA CYS C 152 12.39 -12.56 11.49
C CYS C 152 12.03 -11.08 11.37
N ILE C 153 11.61 -10.49 12.48
CA ILE C 153 11.06 -9.14 12.48
C ILE C 153 11.82 -8.20 13.41
N SER C 154 11.86 -6.93 13.00
CA SER C 154 12.34 -5.85 13.86
C SER C 154 11.50 -4.61 13.58
N ASN C 155 10.39 -4.47 14.28
CA ASN C 155 9.42 -3.41 13.99
C ASN C 155 9.44 -2.26 15.00
N PHE C 156 9.18 -1.06 14.51
CA PHE C 156 8.87 0.06 15.37
C PHE C 156 7.43 -0.09 15.86
N TYR C 157 7.18 0.32 17.09
CA TYR C 157 5.82 0.29 17.63
C TYR C 157 5.65 1.40 18.66
N TYR C 158 4.40 1.81 18.87
CA TYR C 158 4.10 2.84 19.85
C TYR C 158 3.73 2.21 21.19
N ARG C 159 4.48 2.58 22.21
CA ARG C 159 4.27 2.07 23.56
C ARG C 159 3.37 3.00 24.36
N ARG C 160 3.32 4.26 23.93
CA ARG C 160 2.50 5.27 24.58
C ARG C 160 1.57 5.93 23.56
N LYS C 161 0.47 6.50 24.06
CA LYS C 161 -0.43 7.25 23.21
C LYS C 161 0.21 8.57 22.80
N ILE C 162 0.31 8.80 21.49
CA ILE C 162 0.90 10.03 20.97
C ILE C 162 -0.19 10.93 20.39
N SER C 163 -0.08 12.23 20.64
CA SER C 163 -1.06 13.18 20.16
C SER C 163 -1.07 13.24 18.63
N ASP C 164 -2.16 13.77 18.08
CA ASP C 164 -2.30 13.90 16.63
C ASP C 164 -1.31 14.92 16.07
N LYS C 165 -1.07 15.98 16.83
CA LYS C 165 -0.18 17.06 16.41
C LYS C 165 1.18 16.54 15.97
N LEU C 166 1.77 15.68 16.79
CA LEU C 166 3.11 15.15 16.52
C LEU C 166 3.11 14.26 15.27
N ILE C 167 2.07 13.44 15.14
CA ILE C 167 1.91 12.61 13.95
C ILE C 167 1.87 13.52 12.72
N ASN C 168 1.04 14.56 12.80
CA ASN C 168 0.95 15.55 11.73
C ASN C 168 2.30 16.20 11.46
N ASP C 169 3.02 16.50 12.54
CA ASP C 169 4.34 17.11 12.41
C ASP C 169 5.28 16.19 11.63
N VAL C 170 5.32 14.92 12.01
CA VAL C 170 6.14 13.94 11.30
C VAL C 170 5.71 13.85 9.84
N TYR C 171 4.40 13.74 9.61
CA TYR C 171 3.88 13.70 8.25
C TYR C 171 4.40 14.88 7.45
N ASN C 172 4.27 16.07 8.00
CA ASN C 172 4.80 17.27 7.37
C ASN C 172 6.30 17.14 7.10
N ALA C 173 7.04 16.72 8.12
CA ALA C 173 8.49 16.61 8.03
C ALA C 173 8.94 15.68 6.91
N ILE C 174 8.38 14.47 6.88
CA ILE C 174 8.89 13.44 5.98
C ILE C 174 7.82 12.81 5.08
N ASN C 175 6.67 13.49 4.93
CA ASN C 175 5.61 13.02 4.06
C ASN C 175 5.29 11.54 4.23
N PHE C 176 5.11 11.13 5.48
CA PHE C 176 4.77 9.74 5.79
C PHE C 176 4.15 9.63 7.17
N ARG C 177 2.85 9.86 7.24
CA ARG C 177 2.13 9.84 8.52
C ARG C 177 2.13 8.45 9.14
N PRO C 178 2.84 8.25 10.25
CA PRO C 178 2.78 6.94 10.90
C PRO C 178 1.44 6.70 11.58
N ASN C 179 1.11 5.44 11.85
CA ASN C 179 -0.14 5.11 12.52
C ASN C 179 0.10 4.99 14.04
N PRO C 180 -0.53 5.86 14.84
CA PRO C 180 -0.26 5.85 16.28
C PRO C 180 -0.81 4.61 16.99
N LEU C 181 -1.61 3.81 16.29
CA LEU C 181 -2.17 2.60 16.88
C LEU C 181 -1.34 1.37 16.54
N TRP C 182 -0.24 1.56 15.83
CA TRP C 182 0.70 0.47 15.59
C TRP C 182 1.43 0.13 16.87
N THR C 183 0.72 -0.56 17.76
CA THR C 183 1.27 -0.99 19.03
C THR C 183 1.75 -2.43 18.91
N LEU C 184 2.29 -2.97 20.01
CA LEU C 184 2.66 -4.37 20.05
C LEU C 184 1.45 -5.25 19.76
N GLU C 185 0.34 -4.95 20.43
CA GLU C 185 -0.88 -5.73 20.29
C GLU C 185 -1.32 -5.80 18.83
N TYR C 186 -1.21 -4.66 18.14
CA TYR C 186 -1.60 -4.59 16.74
C TYR C 186 -0.75 -5.52 15.88
N TRP C 187 0.56 -5.43 16.03
CA TRP C 187 1.48 -6.29 15.28
C TRP C 187 1.19 -7.75 15.60
N HIS C 188 1.02 -8.06 16.89
CA HIS C 188 0.70 -9.41 17.30
C HIS C 188 -0.56 -9.88 16.60
N GLN C 189 -1.58 -9.05 16.59
CA GLN C 189 -2.81 -9.37 15.87
C GLN C 189 -2.52 -9.61 14.39
N PHE C 190 -1.69 -8.75 13.81
CA PHE C 190 -1.34 -8.87 12.39
C PHE C 190 -0.64 -10.19 12.06
N PHE C 191 0.37 -10.56 12.84
CA PHE C 191 1.16 -11.75 12.54
C PHE C 191 0.57 -13.07 13.03
N SER C 192 -0.19 -13.01 14.11
N SER C 192 -0.20 -13.02 14.11
CA SER C 192 -0.64 -14.22 14.81
CA SER C 192 -0.64 -14.22 14.81
C SER C 192 -1.67 -15.04 14.02
C SER C 192 -1.73 -15.00 14.06
N GLU C 193 -2.22 -14.46 12.96
CA GLU C 193 -3.22 -15.16 12.16
C GLU C 193 -2.58 -16.34 11.44
N ARG C 194 -1.35 -16.14 10.98
CA ARG C 194 -0.65 -17.14 10.17
C ARG C 194 0.65 -17.60 10.80
N PHE C 195 1.02 -17.01 11.93
CA PHE C 195 2.30 -17.33 12.56
C PHE C 195 2.18 -17.48 14.08
N THR C 196 3.16 -18.17 14.65
CA THR C 196 3.28 -18.33 16.09
C THR C 196 4.47 -17.51 16.60
N LEU C 197 4.22 -16.68 17.60
CA LEU C 197 5.30 -15.91 18.20
C LEU C 197 6.20 -16.84 19.01
N VAL C 198 7.46 -16.94 18.60
CA VAL C 198 8.42 -17.83 19.25
C VAL C 198 9.31 -17.07 20.23
N SER C 199 9.70 -15.87 19.83
CA SER C 199 10.63 -15.06 20.63
C SER C 199 10.35 -13.58 20.44
N GLU C 200 10.55 -12.81 21.50
CA GLU C 200 10.33 -11.37 21.46
C GLU C 200 11.25 -10.66 22.44
N GLU C 201 11.92 -9.62 21.95
CA GLU C 201 12.75 -8.76 22.79
C GLU C 201 12.47 -7.31 22.44
N ASN C 202 11.94 -6.57 23.42
CA ASN C 202 11.54 -5.18 23.19
C ASN C 202 12.56 -4.19 23.70
N HIS C 203 12.82 -3.16 22.90
CA HIS C 203 13.75 -2.11 23.26
C HIS C 203 13.06 -0.74 23.17
N GLU C 204 12.91 -0.09 24.31
CA GLU C 204 12.27 1.22 24.35
C GLU C 204 13.27 2.32 24.01
N GLU C 206 14.20 6.62 23.30
CA GLU C 206 13.97 7.90 23.96
C GLU C 206 14.56 9.04 23.14
N SER C 207 13.99 10.23 23.32
CA SER C 207 14.41 11.40 22.55
C SER C 207 15.79 11.89 22.98
N GLN C 208 16.48 12.55 22.06
CA GLN C 208 17.70 13.29 22.38
C GLN C 208 17.33 14.69 22.81
N SER C 209 18.21 15.34 23.54
CA SER C 209 18.04 16.76 23.84
C SER C 209 18.35 17.55 22.58
N GLU C 210 17.76 18.73 22.46
CA GLU C 210 18.00 19.59 21.30
C GLU C 210 19.49 19.74 21.03
N ASP C 211 20.26 19.90 22.10
CA ASP C 211 21.71 20.06 21.99
C ASP C 211 22.36 18.82 21.37
N GLU C 212 21.99 17.65 21.86
CA GLU C 212 22.54 16.39 21.35
C GLU C 212 22.17 16.22 19.87
N LEU C 213 20.89 16.43 19.56
CA LEU C 213 20.42 16.33 18.19
C LEU C 213 21.22 17.27 17.28
N LYS C 214 21.28 18.54 17.67
CA LYS C 214 22.03 19.54 16.93
C LYS C 214 23.49 19.15 16.80
N ALA C 215 24.03 18.56 17.87
CA ALA C 215 25.43 18.12 17.87
C ALA C 215 25.62 17.03 16.82
N ASP C 216 24.72 16.06 16.80
CA ASP C 216 24.78 14.98 15.82
C ASP C 216 24.64 15.51 14.39
N ILE C 217 23.61 16.31 14.14
CA ILE C 217 23.38 16.87 12.81
C ILE C 217 24.62 17.66 12.37
N TYR C 218 25.09 18.54 13.24
CA TYR C 218 26.28 19.33 12.96
C TYR C 218 27.45 18.42 12.61
N ASP C 219 27.78 17.52 13.53
CA ASP C 219 28.88 16.60 13.34
C ASP C 219 28.79 15.90 11.99
N TYR C 220 27.61 15.36 11.69
CA TYR C 220 27.42 14.65 10.43
C TYR C 220 27.65 15.56 9.23
N ILE C 221 26.94 16.68 9.18
CA ILE C 221 27.01 17.57 8.02
C ILE C 221 28.41 18.18 7.87
N PHE C 222 29.10 18.40 8.98
CA PHE C 222 30.39 19.08 8.94
C PHE C 222 31.59 18.13 9.03
N ASN C 223 31.36 16.87 9.39
CA ASN C 223 32.44 15.90 9.52
C ASN C 223 32.14 14.56 8.86
N ARG C 224 31.25 14.57 7.88
CA ARG C 224 30.92 13.36 7.12
C ARG C 224 29.93 13.68 6.01
N GLN C 236 25.78 24.53 3.71
CA GLN C 236 25.90 23.79 4.96
C GLN C 236 24.85 24.23 5.98
N ASN C 237 24.81 25.54 6.26
CA ASN C 237 23.82 26.10 7.16
C ASN C 237 22.41 25.74 6.70
N VAL C 238 22.18 25.84 5.40
CA VAL C 238 20.89 25.46 4.81
C VAL C 238 20.63 24.00 5.09
N PHE C 239 21.59 23.14 4.74
CA PHE C 239 21.50 21.71 5.02
C PHE C 239 21.19 21.48 6.50
N PHE C 240 21.93 22.17 7.36
CA PHE C 240 21.75 22.03 8.80
C PHE C 240 20.32 22.36 9.21
N GLU C 241 19.83 23.51 8.75
CA GLU C 241 18.48 23.95 9.09
C GLU C 241 17.43 22.97 8.58
N ARG C 242 17.57 22.54 7.34
CA ARG C 242 16.65 21.56 6.77
C ARG C 242 16.65 20.26 7.58
N PHE C 243 17.84 19.71 7.78
CA PHE C 243 18.01 18.50 8.57
C PHE C 243 17.35 18.63 9.94
N LEU C 244 17.67 19.69 10.66
CA LEU C 244 17.08 19.94 11.97
C LEU C 244 15.56 19.96 11.86
N LYS C 245 15.07 20.74 10.92
CA LYS C 245 13.63 20.86 10.68
C LYS C 245 12.99 19.49 10.52
N ILE C 246 13.62 18.64 9.71
CA ILE C 246 13.09 17.29 9.46
C ILE C 246 13.20 16.40 10.69
N ARG C 247 14.34 16.44 11.37
CA ARG C 247 14.64 15.47 12.42
C ARG C 247 13.96 15.78 13.75
N ARG C 248 13.73 17.06 14.04
CA ARG C 248 13.14 17.47 15.33
C ARG C 248 11.93 16.60 15.74
N PRO C 249 10.89 16.56 14.89
CA PRO C 249 9.70 15.78 15.27
C PRO C 249 10.01 14.29 15.39
N LEU C 250 10.82 13.77 14.48
CA LEU C 250 11.25 12.38 14.54
C LEU C 250 11.87 12.09 15.90
N ASN C 251 12.76 12.97 16.34
CA ASN C 251 13.39 12.85 17.63
C ASN C 251 12.34 12.85 18.74
N ILE C 252 11.48 13.86 18.73
CA ILE C 252 10.41 13.97 19.71
C ILE C 252 9.58 12.69 19.78
N GLN C 253 9.30 12.12 18.62
CA GLN C 253 8.45 10.94 18.52
C GLN C 253 9.02 9.73 19.27
N ARG C 254 10.35 9.69 19.44
CA ARG C 254 11.03 8.52 19.98
C ARG C 254 10.59 8.16 21.39
N ASP C 255 10.23 9.17 22.18
CA ASP C 255 9.83 8.94 23.57
C ASP C 255 8.55 8.11 23.67
N TYR C 256 7.82 8.00 22.57
CA TYR C 256 6.58 7.24 22.54
C TYR C 256 6.75 5.90 21.85
N GLN C 257 7.94 5.67 21.30
CA GLN C 257 8.18 4.51 20.45
C GLN C 257 9.05 3.45 21.10
N GLY C 258 9.10 2.29 20.47
CA GLY C 258 10.00 1.23 20.85
C GLY C 258 10.28 0.37 19.62
N VAL C 259 11.29 -0.48 19.70
CA VAL C 259 11.59 -1.44 18.63
C VAL C 259 11.46 -2.85 19.19
N THR C 260 10.67 -3.67 18.50
CA THR C 260 10.47 -5.06 18.92
C THR C 260 11.18 -6.03 17.97
N LEU C 261 12.02 -6.88 18.54
CA LEU C 261 12.66 -7.94 17.78
C LEU C 261 11.87 -9.22 17.99
N GLN C 262 11.40 -9.83 16.91
CA GLN C 262 10.52 -10.99 17.02
C GLN C 262 10.89 -12.11 16.05
N ILE C 263 10.70 -13.34 16.51
CA ILE C 263 10.76 -14.51 15.66
C ILE C 263 9.37 -15.12 15.59
N TRP C 264 8.83 -15.18 14.37
CA TRP C 264 7.50 -15.75 14.13
C TRP C 264 7.62 -17.04 13.34
N ARG C 265 6.99 -18.11 13.84
CA ARG C 265 7.03 -19.40 13.17
C ARG C 265 5.77 -19.67 12.37
N LYS C 266 5.94 -20.11 11.13
CA LYS C 266 4.82 -20.45 10.26
C LYS C 266 3.92 -21.50 10.91
N LYS C 267 2.61 -21.28 10.84
CA LYS C 267 1.65 -22.28 11.28
C LYS C 267 0.58 -22.47 10.20
N ASN D 30 -14.19 13.78 -9.19
CA ASN D 30 -13.68 12.43 -9.33
C ASN D 30 -14.82 11.42 -9.35
N THR D 31 -14.78 10.50 -10.32
CA THR D 31 -15.85 9.53 -10.51
C THR D 31 -15.27 8.16 -10.83
N PRO D 32 -16.06 7.10 -10.60
CA PRO D 32 -15.62 5.76 -11.01
C PRO D 32 -15.61 5.65 -12.52
N PRO D 33 -14.87 4.67 -13.09
CA PRO D 33 -14.97 4.50 -14.54
C PRO D 33 -16.41 4.24 -14.98
N GLY D 34 -16.90 5.03 -15.93
CA GLY D 34 -18.27 4.90 -16.40
C GLY D 34 -19.23 5.87 -15.73
N ALA D 35 -18.77 6.51 -14.65
CA ALA D 35 -19.55 7.48 -13.90
C ALA D 35 -21.03 7.10 -13.72
N GLU D 36 -21.93 7.85 -14.34
CA GLU D 36 -23.36 7.69 -14.10
C GLU D 36 -23.87 6.32 -14.56
N TYR D 37 -23.33 5.84 -15.67
CA TYR D 37 -23.69 4.51 -16.14
C TYR D 37 -23.38 3.49 -15.04
N THR D 38 -22.20 3.64 -14.45
CA THR D 38 -21.76 2.73 -13.39
C THR D 38 -22.66 2.85 -12.17
N ILE D 39 -22.93 4.08 -11.74
CA ILE D 39 -23.86 4.30 -10.63
C ILE D 39 -25.21 3.62 -10.89
N ASP D 40 -25.74 3.83 -12.10
CA ASP D 40 -27.01 3.21 -12.47
C ASP D 40 -26.91 1.70 -12.45
N TYR D 41 -25.81 1.15 -12.96
CA TYR D 41 -25.59 -0.28 -12.93
C TYR D 41 -25.62 -0.80 -11.49
N TRP D 42 -24.88 -0.14 -10.61
CA TRP D 42 -24.87 -0.50 -9.19
C TRP D 42 -26.26 -0.43 -8.57
N ILE D 43 -26.97 0.65 -8.85
CA ILE D 43 -28.32 0.82 -8.34
C ILE D 43 -29.22 -0.32 -8.81
N LYS D 44 -29.15 -0.63 -10.10
CA LYS D 44 -30.04 -1.62 -10.69
C LYS D 44 -29.73 -3.03 -10.19
N HIS D 45 -28.47 -3.44 -10.32
CA HIS D 45 -28.11 -4.83 -10.03
C HIS D 45 -27.69 -5.03 -8.58
N GLY D 46 -27.40 -3.94 -7.88
CA GLY D 46 -27.11 -4.01 -6.46
C GLY D 46 -28.36 -3.80 -5.62
N CYS D 47 -29.42 -3.34 -6.26
CA CYS D 47 -30.68 -3.05 -5.59
C CYS D 47 -30.50 -2.00 -4.50
N ILE D 48 -30.03 -0.83 -4.91
CA ILE D 48 -29.91 0.31 -4.01
C ILE D 48 -31.19 1.13 -4.06
N ASN D 49 -31.74 1.43 -2.88
CA ASN D 49 -32.92 2.28 -2.80
C ASN D 49 -32.83 3.17 -1.56
N LYS D 50 -33.88 3.93 -1.29
CA LYS D 50 -33.83 4.92 -0.22
C LYS D 50 -33.55 4.28 1.14
N LYS D 51 -33.86 2.99 1.27
CA LYS D 51 -33.65 2.29 2.53
C LYS D 51 -32.23 1.74 2.64
N SER D 52 -31.43 1.92 1.60
CA SER D 52 -30.03 1.50 1.63
C SER D 52 -29.19 2.46 2.43
N HIS D 53 -28.15 1.94 3.08
CA HIS D 53 -27.14 2.77 3.74
C HIS D 53 -25.78 2.38 3.19
N LEU D 54 -25.16 3.29 2.45
CA LEU D 54 -24.00 2.98 1.64
C LEU D 54 -22.69 3.40 2.31
N LEU D 55 -21.66 2.59 2.14
CA LEU D 55 -20.30 3.02 2.49
C LEU D 55 -19.58 3.45 1.22
N ASP D 56 -19.29 4.75 1.12
CA ASP D 56 -18.56 5.28 -0.02
C ASP D 56 -17.06 5.15 0.26
N LEU D 57 -16.46 4.07 -0.21
CA LEU D 57 -15.08 3.74 0.13
C LEU D 57 -14.10 4.58 -0.70
N ALA D 58 -13.16 5.24 -0.02
CA ALA D 58 -12.26 6.16 -0.68
C ALA D 58 -13.09 7.11 -1.53
N CYS D 59 -14.02 7.79 -0.88
CA CYS D 59 -15.07 8.54 -1.55
C CYS D 59 -14.59 9.74 -2.35
N SER D 60 -13.37 10.19 -2.09
CA SER D 60 -12.88 11.42 -2.70
C SER D 60 -13.87 12.54 -2.37
N THR D 61 -14.40 13.22 -3.39
CA THR D 61 -15.34 14.31 -3.18
C THR D 61 -16.80 13.83 -3.10
N GLY D 62 -16.99 12.52 -2.96
CA GLY D 62 -18.29 11.96 -2.61
C GLY D 62 -19.29 11.82 -3.75
N PHE D 63 -18.79 11.68 -4.97
CA PHE D 63 -19.65 11.59 -6.15
C PHE D 63 -20.62 10.41 -6.12
N SER D 64 -20.11 9.22 -5.81
CA SER D 64 -20.91 8.00 -5.91
C SER D 64 -22.12 8.00 -4.97
N SER D 65 -21.87 8.22 -3.69
CA SER D 65 -22.95 8.22 -2.71
C SER D 65 -23.90 9.38 -2.94
N ARG D 66 -23.35 10.53 -3.32
CA ARG D 66 -24.17 11.72 -3.57
C ARG D 66 -25.11 11.45 -4.75
N GLU D 67 -24.58 10.84 -5.80
CA GLU D 67 -25.40 10.44 -6.94
C GLU D 67 -26.46 9.43 -6.52
N CYS D 68 -26.04 8.43 -5.74
CA CYS D 68 -27.02 7.47 -5.22
C CYS D 68 -28.11 8.17 -4.42
N PHE D 69 -27.73 9.19 -3.66
CA PHE D 69 -28.73 9.95 -2.90
C PHE D 69 -29.67 10.70 -3.82
N LYS D 70 -29.11 11.42 -4.79
CA LYS D 70 -29.92 12.20 -5.71
C LYS D 70 -30.85 11.29 -6.52
N LYS D 71 -30.37 10.09 -6.85
CA LYS D 71 -31.16 9.17 -7.67
C LYS D 71 -32.18 8.36 -6.87
N GLU D 72 -31.80 7.88 -5.69
CA GLU D 72 -32.65 6.94 -4.94
C GLU D 72 -32.98 7.40 -3.52
N GLY D 73 -32.26 8.39 -3.01
CA GLY D 73 -32.50 8.89 -1.67
C GLY D 73 -31.82 8.06 -0.59
N ALA D 74 -30.88 7.21 -1.01
CA ALA D 74 -30.12 6.40 -0.08
C ALA D 74 -29.22 7.28 0.78
N SER D 75 -29.03 6.88 2.04
CA SER D 75 -28.13 7.57 2.95
C SER D 75 -26.75 6.96 2.84
N ALA D 76 -25.73 7.65 3.35
CA ALA D 76 -24.38 7.13 3.23
C ALA D 76 -23.36 7.79 4.16
N GLU D 77 -22.36 7.00 4.49
CA GLU D 77 -21.16 7.50 5.15
C GLU D 77 -19.97 7.20 4.24
N GLY D 78 -19.13 8.19 4.02
CA GLY D 78 -17.97 8.04 3.15
C GLY D 78 -16.69 8.30 3.91
N ILE D 79 -15.61 7.67 3.47
CA ILE D 79 -14.31 7.87 4.09
C ILE D 79 -13.24 8.13 3.03
N ASP D 80 -12.32 9.03 3.33
CA ASP D 80 -11.18 9.26 2.45
C ASP D 80 -9.98 9.78 3.22
N ILE D 81 -8.78 9.61 2.67
CA ILE D 81 -7.56 10.04 3.33
C ILE D 81 -7.34 11.54 3.18
N SER D 82 -7.98 12.15 2.18
CA SER D 82 -7.81 13.57 1.91
C SER D 82 -8.81 14.40 2.71
N GLU D 83 -8.30 15.20 3.63
CA GLU D 83 -9.15 16.03 4.48
C GLU D 83 -9.93 17.04 3.65
N SER D 84 -9.28 17.61 2.65
CA SER D 84 -9.92 18.62 1.81
C SER D 84 -11.05 18.01 0.97
N ALA D 85 -10.81 16.82 0.43
CA ALA D 85 -11.81 16.13 -0.37
C ALA D 85 -13.05 15.82 0.46
N VAL D 86 -12.82 15.38 1.69
CA VAL D 86 -13.90 15.09 2.61
C VAL D 86 -14.73 16.33 2.88
N VAL D 88 -15.16 18.89 0.80
CA VAL D 88 -15.96 19.14 -0.38
C VAL D 88 -17.19 18.23 -0.37
N ALA D 89 -16.99 16.96 0.01
CA ALA D 89 -18.08 16.00 0.03
C ALA D 89 -19.16 16.41 1.03
N ASN D 90 -18.73 16.93 2.18
CA ASN D 90 -19.65 17.37 3.22
C ASN D 90 -20.38 18.66 2.84
N GLU D 91 -19.67 19.55 2.16
CA GLU D 91 -20.26 20.82 1.73
C GLU D 91 -21.29 20.60 0.62
N LYS D 92 -20.97 19.74 -0.34
CA LYS D 92 -21.90 19.42 -1.42
C LYS D 92 -23.14 18.75 -0.88
N ALA D 93 -22.99 18.00 0.21
CA ALA D 93 -24.12 17.36 0.86
C ALA D 93 -25.00 18.41 1.54
N LYS D 94 -24.35 19.42 2.14
CA LYS D 94 -25.07 20.50 2.81
C LYS D 94 -25.87 21.34 1.82
N LYS D 95 -25.31 21.54 0.62
CA LYS D 95 -26.01 22.27 -0.43
C LYS D 95 -27.30 21.53 -0.83
N LEU D 96 -27.27 20.21 -0.69
CA LEU D 96 -28.44 19.38 -0.96
C LEU D 96 -29.33 19.28 0.28
N LYS D 97 -28.93 19.95 1.35
CA LYS D 97 -29.64 19.86 2.62
C LYS D 97 -29.78 18.40 3.04
N ALA D 98 -28.72 17.63 2.80
CA ALA D 98 -28.73 16.20 3.09
C ALA D 98 -27.52 15.83 3.94
N ASN D 99 -26.98 16.81 4.65
CA ASN D 99 -25.75 16.61 5.42
C ASN D 99 -25.97 15.71 6.63
N ASN D 100 -27.22 15.49 7.01
CA ASN D 100 -27.53 14.54 8.07
C ASN D 100 -27.67 13.11 7.53
N LEU D 101 -27.77 12.99 6.21
CA LEU D 101 -27.94 11.69 5.57
C LEU D 101 -26.66 11.25 4.85
N LEU D 102 -25.90 12.23 4.38
CA LEU D 102 -24.63 11.98 3.72
C LEU D 102 -23.49 12.55 4.55
N LYS D 103 -22.70 11.68 5.17
CA LYS D 103 -21.64 12.13 6.05
C LYS D 103 -20.28 11.57 5.65
N TYR D 104 -19.25 12.42 5.66
CA TYR D 104 -17.94 12.01 5.16
C TYR D 104 -16.85 12.25 6.19
N TYR D 105 -15.90 11.31 6.26
CA TYR D 105 -14.85 11.33 7.26
C TYR D 105 -13.46 11.06 6.70
N VAL D 106 -12.46 11.55 7.41
CA VAL D 106 -11.07 11.22 7.12
C VAL D 106 -10.75 9.89 7.77
N ALA D 107 -10.38 8.89 6.97
CA ALA D 107 -10.01 7.59 7.50
C ALA D 107 -9.38 6.72 6.42
N ASP D 108 -8.69 5.68 6.84
CA ASP D 108 -8.12 4.71 5.91
C ASP D 108 -9.09 3.54 5.75
N ALA D 109 -9.15 3.00 4.54
CA ALA D 109 -10.04 1.88 4.26
C ALA D 109 -9.67 0.65 5.09
N CYS D 110 -8.39 0.55 5.46
CA CYS D 110 -7.91 -0.60 6.22
C CYS D 110 -8.10 -0.43 7.73
N ASP D 111 -8.87 0.60 8.11
CA ASP D 111 -9.20 0.82 9.50
C ASP D 111 -10.45 1.68 9.61
N LEU D 112 -11.60 1.09 9.33
CA LEU D 112 -12.86 1.83 9.25
C LEU D 112 -13.40 2.17 10.63
N PRO D 113 -13.87 3.42 10.82
CA PRO D 113 -14.42 3.84 12.12
C PRO D 113 -15.90 3.47 12.30
N PHE D 114 -16.35 2.41 11.64
CA PHE D 114 -17.75 2.03 11.71
C PHE D 114 -17.93 0.69 12.41
N GLU D 115 -19.11 0.48 12.99
CA GLU D 115 -19.43 -0.76 13.67
C GLU D 115 -19.71 -1.89 12.69
N ASP D 116 -19.66 -3.12 13.18
CA ASP D 116 -19.97 -4.29 12.37
C ASP D 116 -21.35 -4.18 11.74
N ASN D 117 -21.49 -4.71 10.53
CA ASN D 117 -22.79 -4.82 9.88
C ASN D 117 -23.55 -3.50 9.85
N THR D 118 -22.87 -2.42 9.47
CA THR D 118 -23.47 -1.09 9.44
C THR D 118 -24.12 -0.77 8.09
N PHE D 119 -23.58 -1.35 7.02
CA PHE D 119 -23.96 -0.94 5.67
C PHE D 119 -24.66 -2.03 4.87
N THR D 120 -25.63 -1.62 4.07
CA THR D 120 -26.29 -2.54 3.15
C THR D 120 -25.43 -2.72 1.90
N HIS D 121 -24.69 -1.67 1.55
CA HIS D 121 -23.82 -1.70 0.38
C HIS D 121 -22.49 -1.01 0.63
N VAL D 122 -21.46 -1.47 -0.06
CA VAL D 122 -20.20 -0.75 -0.11
C VAL D 122 -19.90 -0.36 -1.55
N LEU D 123 -19.70 0.94 -1.77
CA LEU D 123 -19.30 1.43 -3.08
C LEU D 123 -17.78 1.44 -3.17
N GLY D 124 -17.23 0.41 -3.80
CA GLY D 124 -15.79 0.25 -3.87
C GLY D 124 -15.18 0.87 -5.11
N GLY D 125 -15.97 0.96 -6.17
CA GLY D 125 -15.48 1.51 -7.43
C GLY D 125 -14.21 0.81 -7.88
N CYS D 126 -13.22 1.61 -8.26
CA CYS D 126 -11.93 1.08 -8.72
C CYS D 126 -10.86 1.24 -7.64
N ASN D 127 -11.27 1.53 -6.42
CA ASN D 127 -10.35 2.00 -5.39
C ASN D 127 -9.47 0.91 -4.79
N PHE D 128 -9.85 -0.35 -4.96
CA PHE D 128 -9.03 -1.44 -4.45
C PHE D 128 -7.74 -1.59 -5.25
N ALA D 129 -7.69 -0.92 -6.40
CA ALA D 129 -6.50 -0.94 -7.23
C ALA D 129 -5.50 0.13 -6.80
N PHE D 130 -5.88 0.99 -5.85
CA PHE D 130 -5.05 2.13 -5.48
C PHE D 130 -4.84 2.29 -3.97
N ILE D 131 -5.83 1.92 -3.17
CA ILE D 131 -5.71 2.11 -1.72
C ILE D 131 -4.59 1.26 -1.13
N GLN D 132 -4.05 1.70 0.00
CA GLN D 132 -3.01 0.94 0.68
C GLN D 132 -3.62 -0.25 1.41
N ASN D 133 -2.87 -1.34 1.48
CA ASN D 133 -3.33 -2.53 2.18
C ASN D 133 -4.74 -2.95 1.76
N ARG D 134 -4.92 -3.23 0.47
CA ARG D 134 -6.26 -3.45 -0.07
C ARG D 134 -6.97 -4.67 0.52
N LEU D 135 -6.21 -5.68 0.93
CA LEU D 135 -6.84 -6.88 1.50
C LEU D 135 -7.36 -6.61 2.90
N ILE D 136 -6.57 -5.91 3.71
CA ILE D 136 -7.01 -5.48 5.04
C ILE D 136 -8.26 -4.61 4.88
N ALA D 137 -8.20 -3.70 3.92
CA ALA D 137 -9.36 -2.86 3.59
C ALA D 137 -10.54 -3.73 3.21
N LEU D 138 -10.30 -4.74 2.38
CA LEU D 138 -11.39 -5.63 1.96
C LEU D 138 -12.01 -6.35 3.16
N ASN D 139 -11.16 -6.82 4.07
CA ASN D 139 -11.65 -7.47 5.27
C ASN D 139 -12.46 -6.52 6.14
N GLU D 140 -11.98 -5.28 6.29
CA GLU D 140 -12.74 -4.27 7.01
C GLU D 140 -14.10 -4.01 6.36
N THR D 141 -14.08 -3.88 5.04
CA THR D 141 -15.30 -3.72 4.24
C THR D 141 -16.25 -4.88 4.54
N HIS D 142 -15.71 -6.09 4.53
CA HIS D 142 -16.48 -7.28 4.87
C HIS D 142 -17.09 -7.12 6.26
N ARG D 143 -16.27 -6.69 7.22
CA ARG D 143 -16.73 -6.49 8.59
C ARG D 143 -17.91 -5.53 8.66
N CYS D 144 -17.76 -4.35 8.06
CA CYS D 144 -18.78 -3.32 8.17
C CYS D 144 -20.02 -3.56 7.31
N LEU D 145 -19.93 -4.52 6.40
CA LEU D 145 -21.05 -4.85 5.53
C LEU D 145 -22.07 -5.73 6.24
N ASN D 146 -23.35 -5.39 6.11
CA ASN D 146 -24.41 -6.17 6.73
C ASN D 146 -24.48 -7.57 6.13
N HIS D 147 -25.18 -8.45 6.81
CA HIS D 147 -25.30 -9.84 6.36
C HIS D 147 -25.97 -9.87 5.00
N GLY D 149 -24.99 -8.49 2.50
CA GLY D 149 -24.82 -7.18 1.91
C GLY D 149 -24.04 -7.26 0.62
N SER D 150 -23.96 -6.15 -0.11
CA SER D 150 -23.33 -6.14 -1.43
C SER D 150 -22.18 -5.14 -1.56
N CYS D 152 -20.08 -3.15 -4.41
CA CYS D 152 -20.21 -2.69 -5.80
C CYS D 152 -18.85 -2.25 -6.33
N ILE D 153 -18.44 -2.87 -7.43
CA ILE D 153 -17.10 -2.71 -7.96
C ILE D 153 -17.13 -2.21 -9.41
N SER D 154 -16.14 -1.39 -9.75
CA SER D 154 -15.89 -1.02 -11.13
C SER D 154 -14.37 -0.93 -11.33
N ASN D 155 -13.77 -2.05 -11.72
CA ASN D 155 -12.31 -2.16 -11.80
C ASN D 155 -11.77 -2.22 -13.23
N PHE D 156 -10.64 -1.56 -13.45
CA PHE D 156 -9.87 -1.76 -14.66
C PHE D 156 -9.22 -3.14 -14.60
N TYR D 157 -9.00 -3.76 -15.75
CA TYR D 157 -8.33 -5.04 -15.79
C TYR D 157 -7.71 -5.25 -17.17
N TYR D 158 -6.72 -6.12 -17.23
CA TYR D 158 -6.08 -6.47 -18.50
C TYR D 158 -6.70 -7.73 -19.08
N ARG D 159 -7.20 -7.62 -20.31
CA ARG D 159 -7.90 -8.72 -20.95
C ARG D 159 -6.98 -9.50 -21.90
N ARG D 160 -5.84 -8.93 -22.21
CA ARG D 160 -4.83 -9.62 -23.01
C ARG D 160 -3.44 -9.18 -22.60
N LYS D 161 -2.46 -10.06 -22.79
CA LYS D 161 -1.10 -9.82 -22.34
C LYS D 161 -0.53 -8.52 -22.90
N ILE D 162 0.16 -7.77 -22.05
CA ILE D 162 0.82 -6.53 -22.44
C ILE D 162 2.32 -6.64 -22.18
N SER D 163 3.13 -6.07 -23.07
CA SER D 163 4.58 -6.17 -22.94
C SER D 163 5.10 -5.35 -21.75
N ASP D 164 6.25 -5.74 -21.23
CA ASP D 164 6.87 -5.05 -20.10
C ASP D 164 7.17 -3.60 -20.44
N LYS D 165 7.58 -3.35 -21.68
CA LYS D 165 7.95 -2.02 -22.11
C LYS D 165 6.84 -0.99 -21.84
N LEU D 166 5.62 -1.35 -22.21
CA LEU D 166 4.49 -0.45 -22.06
C LEU D 166 4.19 -0.17 -20.58
N ILE D 167 4.22 -1.23 -19.78
CA ILE D 167 4.07 -1.08 -18.33
C ILE D 167 5.11 -0.10 -17.81
N ASN D 168 6.36 -0.33 -18.20
CA ASN D 168 7.45 0.58 -17.83
C ASN D 168 7.16 2.00 -18.31
N ASP D 169 6.65 2.12 -19.52
CA ASP D 169 6.31 3.43 -20.09
C ASP D 169 5.28 4.14 -19.23
N VAL D 170 4.21 3.44 -18.86
CA VAL D 170 3.19 4.01 -17.99
C VAL D 170 3.82 4.42 -16.66
N TYR D 171 4.56 3.50 -16.07
CA TYR D 171 5.26 3.76 -14.82
C TYR D 171 6.02 5.08 -14.91
N ASN D 172 6.83 5.22 -15.95
CA ASN D 172 7.54 6.46 -16.22
C ASN D 172 6.58 7.64 -16.31
N ALA D 173 5.57 7.51 -17.16
CA ALA D 173 4.63 8.59 -17.41
C ALA D 173 3.98 9.13 -16.14
N ILE D 174 3.47 8.22 -15.31
CA ILE D 174 2.64 8.64 -14.17
C ILE D 174 3.09 8.08 -12.82
N ASN D 175 4.36 7.69 -12.72
CA ASN D 175 4.90 7.16 -11.47
C ASN D 175 4.00 6.11 -10.84
N PHE D 176 3.33 5.35 -11.69
CA PHE D 176 2.46 4.27 -11.25
C PHE D 176 2.54 3.11 -12.24
N ARG D 177 3.53 2.25 -12.04
CA ARG D 177 3.71 1.09 -12.90
C ARG D 177 2.58 0.09 -12.68
N PRO D 178 1.67 -0.06 -13.65
CA PRO D 178 0.56 -0.95 -13.34
C PRO D 178 0.97 -2.41 -13.47
N ASN D 179 0.39 -3.27 -12.64
CA ASN D 179 0.68 -4.69 -12.67
C ASN D 179 -0.08 -5.36 -13.81
N PRO D 180 0.64 -5.83 -14.85
CA PRO D 180 -0.09 -6.42 -15.98
C PRO D 180 -0.80 -7.73 -15.66
N LEU D 181 -0.59 -8.26 -14.47
CA LEU D 181 -1.24 -9.50 -14.06
C LEU D 181 -2.53 -9.24 -13.29
N TRP D 182 -2.95 -7.97 -13.24
CA TRP D 182 -4.25 -7.63 -12.69
C TRP D 182 -5.33 -7.92 -13.72
N THR D 183 -5.57 -9.21 -13.94
CA THR D 183 -6.58 -9.65 -14.88
C THR D 183 -7.92 -9.82 -14.18
N LEU D 184 -8.93 -10.26 -14.92
CA LEU D 184 -10.24 -10.53 -14.35
C LEU D 184 -10.14 -11.65 -13.31
N GLU D 185 -9.39 -12.69 -13.67
CA GLU D 185 -9.19 -13.84 -12.78
C GLU D 185 -8.52 -13.42 -11.49
N TYR D 186 -7.55 -12.51 -11.59
CA TYR D 186 -6.87 -11.98 -10.42
C TYR D 186 -7.86 -11.34 -9.45
N TRP D 187 -8.69 -10.44 -9.98
CA TRP D 187 -9.71 -9.78 -9.17
C TRP D 187 -10.69 -10.80 -8.59
N HIS D 188 -11.11 -11.76 -9.41
CA HIS D 188 -12.00 -12.80 -8.91
C HIS D 188 -11.36 -13.54 -7.73
N GLN D 189 -10.08 -13.90 -7.88
CA GLN D 189 -9.34 -14.54 -6.80
C GLN D 189 -9.33 -13.65 -5.57
N PHE D 190 -9.05 -12.36 -5.79
CA PHE D 190 -9.01 -11.39 -4.70
C PHE D 190 -10.34 -11.33 -3.93
N PHE D 191 -11.45 -11.16 -4.65
CA PHE D 191 -12.73 -10.96 -4.00
C PHE D 191 -13.42 -12.27 -3.56
N SER D 192 -13.10 -13.38 -4.24
CA SER D 192 -13.81 -14.64 -4.04
C SER D 192 -13.63 -15.25 -2.65
N GLU D 193 -12.60 -14.84 -1.93
CA GLU D 193 -12.31 -15.41 -0.63
C GLU D 193 -13.48 -15.18 0.35
N ARG D 194 -14.03 -13.96 0.33
CA ARG D 194 -15.04 -13.57 1.31
C ARG D 194 -16.33 -13.08 0.65
N PHE D 195 -16.40 -13.16 -0.68
CA PHE D 195 -17.57 -12.70 -1.41
C PHE D 195 -17.96 -13.65 -2.54
N THR D 196 -19.21 -13.55 -2.98
CA THR D 196 -19.69 -14.31 -4.13
C THR D 196 -20.10 -13.36 -5.25
N LEU D 197 -19.60 -13.61 -6.46
CA LEU D 197 -19.96 -12.79 -7.61
C LEU D 197 -21.37 -13.15 -8.06
N VAL D 198 -22.27 -12.17 -8.03
CA VAL D 198 -23.67 -12.40 -8.38
C VAL D 198 -24.06 -11.66 -9.66
N SER D 199 -23.28 -10.65 -10.02
CA SER D 199 -23.52 -9.90 -11.26
C SER D 199 -22.23 -9.32 -11.81
N GLU D 200 -22.09 -9.37 -13.13
CA GLU D 200 -20.90 -8.86 -13.79
C GLU D 200 -21.21 -8.38 -15.21
N GLU D 201 -20.66 -7.23 -15.57
CA GLU D 201 -20.77 -6.70 -16.92
C GLU D 201 -19.43 -6.10 -17.34
N ASN D 202 -18.82 -6.70 -18.35
CA ASN D 202 -17.50 -6.29 -18.80
C ASN D 202 -17.55 -5.47 -20.09
N HIS D 203 -16.75 -4.40 -20.12
CA HIS D 203 -16.66 -3.54 -21.29
C HIS D 203 -15.21 -3.47 -21.77
N GLU D 204 -14.97 -3.96 -22.99
CA GLU D 204 -13.63 -3.92 -23.56
C GLU D 204 -13.33 -2.52 -24.09
N GLU D 206 -10.59 0.38 -26.01
CA GLU D 206 -9.70 0.46 -27.16
C GLU D 206 -9.05 1.83 -27.24
N SER D 207 -7.94 1.90 -27.95
CA SER D 207 -7.18 3.14 -28.09
C SER D 207 -7.81 4.05 -29.14
N GLN D 208 -7.75 5.36 -28.90
CA GLN D 208 -8.12 6.33 -29.91
C GLN D 208 -6.99 6.47 -30.92
N SER D 209 -7.30 6.93 -32.12
CA SER D 209 -6.26 7.30 -33.07
C SER D 209 -5.54 8.52 -32.54
N GLU D 210 -4.30 8.72 -32.97
CA GLU D 210 -3.51 9.87 -32.52
C GLU D 210 -4.28 11.17 -32.72
N ASP D 211 -4.96 11.27 -33.86
CA ASP D 211 -5.74 12.46 -34.20
C ASP D 211 -6.86 12.70 -33.20
N GLU D 212 -7.63 11.66 -32.90
CA GLU D 212 -8.73 11.77 -31.94
C GLU D 212 -8.21 12.19 -30.56
N LEU D 213 -7.14 11.54 -30.13
CA LEU D 213 -6.49 11.86 -28.87
C LEU D 213 -6.10 13.34 -28.83
N LYS D 214 -5.34 13.76 -29.84
CA LYS D 214 -4.92 15.15 -29.96
C LYS D 214 -6.13 16.07 -29.92
N ALA D 215 -7.18 15.70 -30.65
CA ALA D 215 -8.40 16.50 -30.68
C ALA D 215 -8.97 16.65 -29.28
N ASP D 216 -9.10 15.54 -28.56
CA ASP D 216 -9.63 15.57 -27.21
C ASP D 216 -8.78 16.46 -26.30
N ILE D 217 -7.47 16.21 -26.28
CA ILE D 217 -6.55 16.98 -25.45
C ILE D 217 -6.68 18.48 -25.75
N TYR D 218 -6.55 18.82 -27.03
CA TYR D 218 -6.75 20.19 -27.48
C TYR D 218 -8.03 20.76 -26.91
N ASP D 219 -9.14 20.07 -27.19
CA ASP D 219 -10.45 20.53 -26.74
C ASP D 219 -10.46 20.80 -25.24
N TYR D 220 -9.97 19.84 -24.45
CA TYR D 220 -9.94 20.01 -23.01
C TYR D 220 -9.13 21.24 -22.61
N ILE D 221 -7.92 21.35 -23.15
CA ILE D 221 -7.05 22.46 -22.78
C ILE D 221 -7.62 23.81 -23.23
N PHE D 222 -8.26 23.86 -24.39
CA PHE D 222 -8.68 25.13 -24.96
C PHE D 222 -10.14 25.50 -24.73
N ASN D 223 -10.98 24.55 -24.32
CA ASN D 223 -12.41 24.83 -24.18
C ASN D 223 -13.09 24.19 -22.96
N ARG D 224 -12.34 23.44 -22.16
CA ARG D 224 -12.91 22.80 -20.98
C ARG D 224 -12.30 23.36 -19.70
N ASN D 225 -11.05 23.00 -19.45
CA ASN D 225 -10.32 23.48 -18.28
C ASN D 225 -10.35 25.00 -18.20
N GLN D 236 -0.05 27.10 -22.92
CA GLN D 236 -1.03 26.26 -23.58
C GLN D 236 -0.38 25.18 -24.44
N ASN D 237 0.65 25.57 -25.19
CA ASN D 237 1.38 24.64 -26.04
C ASN D 237 2.17 23.66 -25.19
N VAL D 238 2.86 24.21 -24.19
CA VAL D 238 3.63 23.40 -23.25
C VAL D 238 2.69 22.43 -22.55
N PHE D 239 1.50 22.91 -22.19
CA PHE D 239 0.47 22.06 -21.60
C PHE D 239 0.12 20.94 -22.55
N PHE D 240 -0.31 21.30 -23.76
CA PHE D 240 -0.68 20.34 -24.79
C PHE D 240 0.38 19.26 -24.94
N GLU D 241 1.63 19.67 -25.14
CA GLU D 241 2.72 18.72 -25.28
C GLU D 241 2.87 17.85 -24.03
N ARG D 242 2.81 18.50 -22.87
CA ARG D 242 2.94 17.81 -21.60
C ARG D 242 1.88 16.73 -21.44
N PHE D 243 0.64 17.07 -21.75
CA PHE D 243 -0.49 16.16 -21.57
C PHE D 243 -0.48 15.08 -22.65
N LEU D 244 -0.07 15.46 -23.86
CA LEU D 244 0.04 14.51 -24.95
C LEU D 244 1.07 13.43 -24.64
N LYS D 245 2.25 13.87 -24.22
CA LYS D 245 3.33 12.95 -23.87
C LYS D 245 2.90 11.97 -22.79
N ILE D 246 1.96 12.39 -21.94
CA ILE D 246 1.49 11.55 -20.85
C ILE D 246 0.29 10.69 -21.25
N ARG D 247 -0.56 11.26 -22.11
CA ARG D 247 -1.79 10.58 -22.50
C ARG D 247 -1.58 9.55 -23.61
N ARG D 248 -0.53 9.76 -24.42
CA ARG D 248 -0.21 8.83 -25.49
C ARG D 248 -0.13 7.37 -25.01
N PRO D 249 0.82 7.07 -24.09
CA PRO D 249 0.95 5.69 -23.63
C PRO D 249 -0.33 5.15 -22.99
N LEU D 250 -0.94 5.95 -22.12
CA LEU D 250 -2.21 5.57 -21.49
C LEU D 250 -3.21 5.19 -22.56
N ASN D 251 -3.31 6.01 -23.60
CA ASN D 251 -4.20 5.73 -24.71
C ASN D 251 -3.82 4.40 -25.37
N ILE D 252 -2.53 4.21 -25.62
CA ILE D 252 -2.05 2.98 -26.25
C ILE D 252 -2.42 1.74 -25.44
N GLN D 253 -2.25 1.79 -24.12
CA GLN D 253 -2.48 0.59 -23.31
C GLN D 253 -3.96 0.19 -23.22
N ARG D 254 -4.85 1.04 -23.72
CA ARG D 254 -6.29 0.78 -23.61
C ARG D 254 -6.71 -0.44 -24.41
N ASP D 255 -5.97 -0.76 -25.47
CA ASP D 255 -6.29 -1.90 -26.32
C ASP D 255 -6.05 -3.23 -25.60
N TYR D 256 -5.43 -3.16 -24.43
CA TYR D 256 -5.16 -4.36 -23.63
C TYR D 256 -5.98 -4.36 -22.35
N GLN D 257 -6.94 -3.44 -22.25
CA GLN D 257 -7.67 -3.25 -21.00
C GLN D 257 -9.19 -3.40 -21.14
N GLY D 258 -9.85 -3.54 -20.01
CA GLY D 258 -11.29 -3.56 -19.94
C GLY D 258 -11.75 -3.00 -18.61
N VAL D 259 -13.04 -2.73 -18.48
CA VAL D 259 -13.63 -2.30 -17.21
C VAL D 259 -14.73 -3.28 -16.82
N THR D 260 -14.61 -3.86 -15.63
CA THR D 260 -15.60 -4.81 -15.16
C THR D 260 -16.48 -4.19 -14.07
N LEU D 261 -17.79 -4.21 -14.29
CA LEU D 261 -18.74 -3.78 -13.29
C LEU D 261 -19.27 -5.01 -12.59
N GLN D 262 -19.16 -5.04 -11.26
CA GLN D 262 -19.47 -6.24 -10.50
C GLN D 262 -20.26 -5.96 -9.25
N ILE D 263 -21.18 -6.88 -8.93
CA ILE D 263 -21.83 -6.92 -7.63
C ILE D 263 -21.35 -8.18 -6.91
N TRP D 264 -20.73 -7.97 -5.75
CA TRP D 264 -20.23 -9.06 -4.92
C TRP D 264 -21.06 -9.18 -3.66
N ARG D 265 -21.51 -10.39 -3.34
CA ARG D 265 -22.33 -10.61 -2.17
C ARG D 265 -21.51 -11.25 -1.05
N LYS D 266 -21.61 -10.66 0.14
CA LYS D 266 -20.91 -11.14 1.32
C LYS D 266 -21.20 -12.62 1.57
N LYS D 267 -20.15 -13.39 1.86
CA LYS D 267 -20.31 -14.80 2.19
C LYS D 267 -20.33 -15.00 3.70
#